data_5GZA
#
_entry.id   5GZA
#
_cell.length_a   70.550
_cell.length_b   70.550
_cell.length_c   66.935
_cell.angle_alpha   90.000
_cell.angle_beta   90.000
_cell.angle_gamma   120.000
#
_symmetry.space_group_name_H-M   'P 32'
#
loop_
_entity.id
_entity.type
_entity.pdbx_description
1 polymer 'Protein O-mannose kinase'
2 branched 2-acetamido-2-deoxy-beta-D-galactopyranose-(1-3)-2-acetamido-2-deoxy-beta-D-glucopyranose-(1-4)-alpha-D-mannopyranose
3 non-polymer "ADENOSINE-5'-DIPHOSPHATE"
4 non-polymer 'MAGNESIUM ION'
5 non-polymer 'ALUMINUM FLUORIDE'
6 non-polymer 4-METHYL-2H-CHROMEN-2-ONE
#
_entity_poly.entity_id   1
_entity_poly.type   'polypeptide(L)'
_entity_poly.pdbx_seq_one_letter_code
;CPPRHFKVGTMSSCSPWLKCPEIRSGVRRVKLIGQGAVKKVYLSEWQGQKVALSVLSSDQYADDFLHGLSMLRALQSSHV
VTLVGVCEEDAVFVTEYHPLGSVLTLDTTLAQERYRWRNSWHTRLQLAIDYVAFLAYLHSSPAGIRVMCDSNDLHKTLSQ
FLLASDMRLLANDLDALPEVEKGGLGVKCGHHELTGDFVAPEQLWPYGEDFSFSDEAMPGYDEKTDIWKIPDVTRFLLGD
VLGGDVIHFHLFQIYSECKRKEAHMRPTAREVLSVYRSVYDSMMESQSQR
;
_entity_poly.pdbx_strand_id   A
#
loop_
_chem_comp.id
_chem_comp.type
_chem_comp.name
_chem_comp.formula
ADP non-polymer ADENOSINE-5'-DIPHOSPHATE 'C10 H15 N5 O10 P2'
AF3 non-polymer 'ALUMINUM FLUORIDE' 'Al F3'
MAN D-saccharide, alpha linking alpha-D-mannopyranose 'C6 H12 O6'
MG non-polymer 'MAGNESIUM ION' 'Mg 2'
NAG D-saccharide, beta linking 2-acetamido-2-deoxy-beta-D-glucopyranose 'C8 H15 N O6'
NGA D-saccharide, beta linking 2-acetamido-2-deoxy-beta-D-galactopyranose 'C8 H15 N O6'
ZZ1 non-polymer 4-METHYL-2H-CHROMEN-2-ONE 'C10 H8 O2'
#
# COMPACT_ATOMS: atom_id res chain seq x y z
N CYS A 1 -3.17 -9.05 19.56
CA CYS A 1 -1.94 -9.63 20.08
C CYS A 1 -1.04 -8.57 20.70
N PRO A 2 -0.12 -8.99 21.56
CA PRO A 2 0.93 -8.09 22.03
C PRO A 2 1.75 -7.54 20.87
N PRO A 3 2.63 -6.55 21.12
CA PRO A 3 3.35 -5.89 20.02
C PRO A 3 3.93 -6.79 18.96
N ARG A 4 4.78 -7.75 19.36
CA ARG A 4 5.49 -8.60 18.40
C ARG A 4 5.07 -10.06 18.52
N HIS A 5 3.77 -10.29 18.75
CA HIS A 5 3.16 -11.60 18.61
C HIS A 5 2.22 -11.59 17.41
N PHE A 6 1.80 -12.78 17.00
CA PHE A 6 0.93 -12.89 15.83
C PHE A 6 -0.06 -14.04 16.04
N LYS A 7 -1.25 -13.86 15.49
CA LYS A 7 -2.28 -14.90 15.49
C LYS A 7 -2.97 -14.84 14.13
N VAL A 8 -2.61 -15.77 13.24
CA VAL A 8 -3.14 -15.83 11.89
C VAL A 8 -3.81 -17.18 11.67
N GLY A 9 -4.72 -17.22 10.70
CA GLY A 9 -5.40 -18.47 10.39
C GLY A 9 -6.27 -18.94 11.56
N THR A 10 -6.25 -20.25 11.79
CA THR A 10 -7.04 -20.88 12.84
C THR A 10 -6.32 -20.94 14.18
N MET A 11 -5.41 -20.00 14.46
CA MET A 11 -4.70 -20.01 15.72
C MET A 11 -5.62 -19.57 16.86
N SER A 12 -5.54 -20.30 17.98
CA SER A 12 -6.28 -19.94 19.18
C SER A 12 -5.57 -18.91 20.03
N SER A 13 -4.25 -18.79 19.91
CA SER A 13 -3.46 -17.88 20.73
C SER A 13 -2.45 -17.16 19.84
N CYS A 14 -1.85 -16.11 20.40
CA CYS A 14 -0.81 -15.36 19.70
C CYS A 14 0.56 -15.98 20.00
N SER A 15 1.40 -16.06 18.97
CA SER A 15 2.75 -16.55 19.10
C SER A 15 3.74 -15.43 18.82
N PRO A 16 4.85 -15.36 19.56
CA PRO A 16 5.89 -14.39 19.23
C PRO A 16 6.45 -14.67 17.84
N TRP A 17 7.02 -13.62 17.24
CA TRP A 17 7.57 -13.73 15.90
C TRP A 17 8.56 -14.88 15.81
N LEU A 18 8.46 -15.65 14.73
CA LEU A 18 9.45 -16.69 14.45
C LEU A 18 10.78 -16.04 14.08
N LYS A 19 11.86 -16.60 14.60
CA LYS A 19 13.19 -16.11 14.30
C LYS A 19 13.93 -17.10 13.40
N CYS A 20 15.14 -16.72 13.00
CA CYS A 20 15.92 -17.50 12.02
C CYS A 20 15.90 -19.00 12.22
N PRO A 21 16.09 -19.57 13.42
CA PRO A 21 16.11 -21.03 13.53
C PRO A 21 14.81 -21.69 13.12
N GLU A 22 13.67 -21.24 13.66
CA GLU A 22 12.41 -21.91 13.37
C GLU A 22 11.97 -21.70 11.92
N ILE A 23 12.35 -20.57 11.31
CA ILE A 23 11.99 -20.32 9.92
C ILE A 23 12.66 -21.35 9.00
N ARG A 24 13.96 -21.58 9.22
CA ARG A 24 14.70 -22.54 8.40
C ARG A 24 14.15 -23.95 8.50
N SER A 25 13.47 -24.28 9.60
CA SER A 25 12.94 -25.63 9.83
C SER A 25 11.43 -25.69 9.68
N GLY A 26 10.69 -24.94 10.49
CA GLY A 26 9.24 -25.07 10.54
C GLY A 26 8.48 -24.45 9.39
N VAL A 27 9.16 -23.78 8.47
CA VAL A 27 8.51 -23.12 7.34
C VAL A 27 8.92 -23.85 6.07
N ARG A 28 7.97 -24.54 5.45
CA ARG A 28 8.21 -25.29 4.22
C ARG A 28 7.61 -24.57 3.03
N ARG A 29 8.34 -24.57 1.91
CA ARG A 29 7.92 -23.87 0.71
C ARG A 29 6.92 -24.71 -0.07
N VAL A 30 5.90 -24.05 -0.62
CA VAL A 30 4.85 -24.76 -1.35
C VAL A 30 4.71 -24.20 -2.76
N LYS A 31 3.98 -23.09 -2.90
CA LYS A 31 3.62 -22.57 -4.21
C LYS A 31 3.99 -21.09 -4.32
N LEU A 32 4.61 -20.72 -5.43
CA LEU A 32 4.88 -19.32 -5.73
C LEU A 32 3.57 -18.59 -6.02
N ILE A 33 3.29 -17.54 -5.27
CA ILE A 33 2.08 -16.76 -5.43
C ILE A 33 2.34 -15.32 -5.86
N GLY A 34 3.60 -14.96 -6.11
CA GLY A 34 3.91 -13.60 -6.50
C GLY A 34 5.36 -13.38 -6.86
N GLN A 35 5.60 -12.81 -8.05
CA GLN A 35 6.92 -12.42 -8.48
C GLN A 35 7.12 -10.93 -8.25
N GLY A 36 8.28 -10.44 -8.63
CA GLY A 36 8.61 -9.03 -8.47
C GLY A 36 10.09 -8.77 -8.63
N ALA A 37 10.46 -7.50 -8.84
CA ALA A 37 11.87 -7.17 -8.99
C ALA A 37 12.64 -7.46 -7.70
N VAL A 38 12.02 -7.23 -6.55
CA VAL A 38 12.71 -7.29 -5.27
C VAL A 38 12.47 -8.63 -4.58
N LYS A 39 11.30 -9.23 -4.79
CA LYS A 39 10.88 -10.35 -3.95
C LYS A 39 10.25 -11.46 -4.79
N LYS A 40 10.34 -12.67 -4.24
CA LYS A 40 9.52 -13.81 -4.63
C LYS A 40 8.73 -14.24 -3.40
N VAL A 41 7.42 -14.40 -3.55
CA VAL A 41 6.53 -14.75 -2.45
C VAL A 41 5.98 -16.15 -2.68
N TYR A 42 6.13 -17.01 -1.67
CA TYR A 42 5.62 -18.37 -1.73
C TYR A 42 4.55 -18.55 -0.65
N LEU A 43 3.38 -19.04 -1.06
CA LEU A 43 2.46 -19.62 -0.10
C LEU A 43 3.14 -20.81 0.57
N SER A 44 3.07 -20.87 1.90
CA SER A 44 3.85 -21.84 2.66
C SER A 44 3.00 -22.40 3.79
N GLU A 45 3.57 -23.37 4.49
CA GLU A 45 2.92 -24.00 5.64
C GLU A 45 3.82 -23.91 6.85
N TRP A 46 3.24 -23.52 7.99
CA TRP A 46 3.93 -23.55 9.28
C TRP A 46 2.94 -24.02 10.32
N GLN A 47 3.14 -25.25 10.81
CA GLN A 47 2.31 -25.85 11.86
C GLN A 47 0.83 -25.84 11.48
N GLY A 48 0.54 -26.50 10.36
CA GLY A 48 -0.82 -26.59 9.86
C GLY A 48 -1.45 -25.28 9.45
N GLN A 49 -0.69 -24.20 9.39
CA GLN A 49 -1.21 -22.88 9.05
C GLN A 49 -0.63 -22.42 7.71
N LYS A 50 -1.48 -21.92 6.82
CA LYS A 50 -1.01 -21.31 5.59
C LYS A 50 -0.38 -19.96 5.89
N VAL A 51 0.65 -19.61 5.13
CA VAL A 51 1.44 -18.43 5.45
C VAL A 51 2.14 -17.92 4.20
N ALA A 52 2.65 -16.69 4.27
CA ALA A 52 3.35 -16.05 3.15
C ALA A 52 4.83 -15.95 3.46
N LEU A 53 5.67 -16.32 2.50
CA LEU A 53 7.11 -16.39 2.67
C LEU A 53 7.78 -15.59 1.56
N SER A 54 8.43 -14.49 1.92
CA SER A 54 9.03 -13.57 0.97
C SER A 54 10.54 -13.74 0.98
N VAL A 55 11.11 -14.05 -0.18
CA VAL A 55 12.55 -14.25 -0.32
C VAL A 55 13.11 -13.19 -1.27
N LEU A 56 14.42 -12.94 -1.14
CA LEU A 56 15.10 -12.00 -2.00
C LEU A 56 15.32 -12.66 -3.36
N SER A 57 14.68 -12.12 -4.40
CA SER A 57 14.78 -12.67 -5.74
C SER A 57 16.21 -12.63 -6.25
N SER A 58 16.71 -11.43 -6.53
CA SER A 58 18.07 -11.22 -7.00
C SER A 58 18.88 -10.50 -5.94
N ASP A 59 20.13 -10.96 -5.74
CA ASP A 59 21.03 -10.31 -4.80
C ASP A 59 21.30 -8.86 -5.19
N GLN A 60 21.00 -8.49 -6.44
CA GLN A 60 21.16 -7.11 -6.90
C GLN A 60 20.36 -6.13 -6.04
N TYR A 61 19.20 -6.56 -5.53
CA TYR A 61 18.34 -5.67 -4.76
C TYR A 61 18.29 -6.07 -3.30
N ALA A 62 19.44 -6.39 -2.71
CA ALA A 62 19.48 -6.78 -1.31
C ALA A 62 19.15 -5.62 -0.38
N ASP A 63 19.55 -4.40 -0.75
CA ASP A 63 19.32 -3.26 0.13
C ASP A 63 17.85 -2.87 0.16
N ASP A 64 17.16 -2.94 -0.99
CA ASP A 64 15.73 -2.63 -1.02
C ASP A 64 14.94 -3.60 -0.16
N PHE A 65 15.29 -4.89 -0.23
CA PHE A 65 14.61 -5.89 0.58
C PHE A 65 14.78 -5.63 2.06
N LEU A 66 16.02 -5.43 2.50
CA LEU A 66 16.29 -5.28 3.94
C LEU A 66 15.62 -4.04 4.51
N HIS A 67 15.54 -2.95 3.73
CA HIS A 67 14.87 -1.76 4.23
C HIS A 67 13.35 -1.93 4.21
N GLY A 68 12.82 -2.60 3.18
CA GLY A 68 11.41 -2.93 3.18
C GLY A 68 11.02 -3.76 4.37
N LEU A 69 11.87 -4.70 4.77
CA LEU A 69 11.67 -5.43 6.02
C LEU A 69 11.88 -4.53 7.22
N SER A 70 12.86 -3.62 7.15
CA SER A 70 13.07 -2.67 8.23
C SER A 70 11.84 -1.78 8.44
N MET A 71 11.25 -1.29 7.36
CA MET A 71 10.04 -0.49 7.48
C MET A 71 8.84 -1.35 7.86
N LEU A 72 8.82 -2.62 7.43
CA LEU A 72 7.69 -3.49 7.73
C LEU A 72 7.55 -3.71 9.23
N ARG A 73 8.67 -3.98 9.91
CA ARG A 73 8.64 -4.09 11.36
C ARG A 73 8.31 -2.76 12.01
N ALA A 74 8.79 -1.66 11.43
CA ALA A 74 8.61 -0.35 12.03
C ALA A 74 7.17 0.12 11.98
N LEU A 75 6.41 -0.31 10.97
CA LEU A 75 5.07 0.21 10.72
C LEU A 75 4.00 -0.87 10.82
N GLN A 76 4.23 -1.89 11.65
CA GLN A 76 3.19 -2.86 11.95
C GLN A 76 2.02 -2.16 12.63
N SER A 77 0.87 -2.16 11.96
CA SER A 77 -0.30 -1.42 12.42
C SER A 77 -1.54 -2.03 11.78
N SER A 78 -2.67 -1.35 11.94
CA SER A 78 -3.91 -1.76 11.30
C SER A 78 -3.90 -1.54 9.79
N HIS A 79 -2.92 -0.80 9.28
CA HIS A 79 -2.85 -0.44 7.87
C HIS A 79 -1.85 -1.28 7.08
N VAL A 80 -1.10 -2.16 7.73
CA VAL A 80 -0.05 -2.92 7.09
C VAL A 80 -0.25 -4.41 7.37
N VAL A 81 0.23 -5.24 6.45
CA VAL A 81 0.16 -6.70 6.57
C VAL A 81 0.79 -7.13 7.88
N THR A 82 0.25 -8.20 8.47
CA THR A 82 0.73 -8.69 9.76
C THR A 82 2.00 -9.50 9.57
N LEU A 83 3.08 -9.08 10.24
CA LEU A 83 4.34 -9.81 10.20
C LEU A 83 4.26 -11.06 11.06
N VAL A 84 4.96 -12.10 10.62
CA VAL A 84 4.98 -13.39 11.31
C VAL A 84 6.38 -13.77 11.77
N GLY A 85 7.39 -13.55 10.93
CA GLY A 85 8.75 -13.88 11.29
C GLY A 85 9.74 -13.00 10.56
N VAL A 86 10.94 -12.91 11.12
CA VAL A 86 12.00 -12.07 10.58
C VAL A 86 13.31 -12.84 10.64
N CYS A 87 14.03 -12.89 9.52
CA CYS A 87 15.39 -13.42 9.46
C CYS A 87 16.14 -12.66 8.36
N GLU A 88 16.55 -11.43 8.69
CA GLU A 88 17.25 -10.60 7.72
C GLU A 88 18.61 -11.19 7.33
N GLU A 89 19.23 -11.97 8.23
CA GLU A 89 20.50 -12.61 7.90
C GLU A 89 20.40 -13.44 6.65
N ASP A 90 19.30 -14.19 6.50
CA ASP A 90 19.05 -14.96 5.29
C ASP A 90 18.29 -14.17 4.23
N ALA A 91 18.03 -12.88 4.48
CA ALA A 91 17.27 -12.02 3.58
C ALA A 91 15.91 -12.64 3.25
N VAL A 92 15.09 -12.78 4.28
CA VAL A 92 13.82 -13.49 4.16
C VAL A 92 12.96 -13.10 5.37
N PHE A 93 11.65 -13.10 5.17
CA PHE A 93 10.72 -12.88 6.28
C PHE A 93 9.38 -13.53 5.95
N VAL A 94 8.50 -13.55 6.94
CA VAL A 94 7.24 -14.28 6.87
C VAL A 94 6.12 -13.34 7.33
N THR A 95 5.01 -13.34 6.59
CA THR A 95 3.85 -12.52 6.90
C THR A 95 2.58 -13.36 6.76
N GLU A 96 1.44 -12.76 7.11
CA GLU A 96 0.17 -13.44 7.01
C GLU A 96 -0.24 -13.64 5.55
N TYR A 97 -0.75 -14.83 5.25
CA TYR A 97 -1.21 -15.14 3.89
C TYR A 97 -2.63 -14.62 3.69
N HIS A 98 -2.84 -13.91 2.59
CA HIS A 98 -4.16 -13.39 2.22
C HIS A 98 -4.54 -14.00 0.88
N PRO A 99 -5.46 -14.97 0.86
CA PRO A 99 -5.70 -15.75 -0.38
C PRO A 99 -6.26 -14.93 -1.52
N LEU A 100 -6.88 -13.78 -1.25
CA LEU A 100 -7.41 -12.94 -2.32
C LEU A 100 -6.32 -12.22 -3.09
N GLY A 101 -5.05 -12.41 -2.73
CA GLY A 101 -3.96 -11.81 -3.46
C GLY A 101 -3.92 -10.29 -3.33
N SER A 102 -3.48 -9.64 -4.39
CA SER A 102 -3.39 -8.20 -4.41
C SER A 102 -4.75 -7.57 -4.73
N VAL A 103 -4.91 -6.31 -4.31
CA VAL A 103 -6.09 -5.53 -4.70
C VAL A 103 -6.08 -5.20 -6.19
N LEU A 104 -4.97 -5.49 -6.87
CA LEU A 104 -4.95 -5.38 -8.34
C LEU A 104 -6.01 -6.28 -8.96
N THR A 105 -6.22 -7.47 -8.38
CA THR A 105 -7.25 -8.40 -8.82
C THR A 105 -8.58 -8.18 -8.11
N LEU A 106 -8.92 -6.91 -7.83
CA LEU A 106 -10.13 -6.62 -7.07
C LEU A 106 -11.39 -6.99 -7.86
N ASP A 107 -11.52 -6.47 -9.08
CA ASP A 107 -12.72 -6.71 -9.87
C ASP A 107 -12.93 -8.18 -10.18
N THR A 108 -11.85 -8.95 -10.27
CA THR A 108 -11.98 -10.40 -10.44
C THR A 108 -12.51 -11.04 -9.16
N THR A 109 -12.07 -10.56 -8.01
CA THR A 109 -12.52 -11.12 -6.73
C THR A 109 -14.01 -10.83 -6.51
N LEU A 110 -14.43 -9.59 -6.74
CA LEU A 110 -15.85 -9.25 -6.60
C LEU A 110 -16.69 -9.87 -7.71
N ALA A 111 -16.07 -10.34 -8.79
CA ALA A 111 -16.81 -11.05 -9.81
C ALA A 111 -17.29 -12.40 -9.31
N GLN A 112 -16.43 -13.11 -8.56
CA GLN A 112 -16.88 -14.29 -7.81
C GLN A 112 -18.06 -13.90 -6.94
N GLU A 113 -19.23 -14.50 -7.22
CA GLU A 113 -20.39 -14.04 -6.47
C GLU A 113 -20.52 -14.69 -5.12
N ARG A 114 -19.52 -15.45 -4.68
CA ARG A 114 -19.33 -15.64 -3.26
C ARG A 114 -18.92 -14.32 -2.61
N TYR A 115 -18.47 -13.36 -3.42
CA TYR A 115 -18.18 -12.00 -3.00
C TYR A 115 -19.02 -10.96 -3.74
N ARG A 116 -20.15 -11.38 -4.34
CA ARG A 116 -21.00 -10.44 -5.06
C ARG A 116 -21.66 -9.45 -4.12
N TRP A 117 -22.20 -9.95 -3.00
CA TRP A 117 -22.86 -9.08 -2.02
C TRP A 117 -21.94 -7.95 -1.59
N ARG A 118 -20.64 -8.23 -1.50
CA ARG A 118 -19.66 -7.21 -1.13
C ARG A 118 -19.26 -6.32 -2.31
N ASN A 119 -19.81 -6.55 -3.50
CA ASN A 119 -19.62 -5.63 -4.62
C ASN A 119 -20.60 -4.46 -4.48
N SER A 120 -20.47 -3.76 -3.36
CA SER A 120 -21.28 -2.61 -3.02
C SER A 120 -20.38 -1.40 -2.79
N TRP A 121 -21.02 -0.24 -2.64
CA TRP A 121 -20.24 1.00 -2.49
C TRP A 121 -19.61 1.10 -1.10
N HIS A 122 -20.31 0.62 -0.06
CA HIS A 122 -19.77 0.71 1.29
C HIS A 122 -18.55 -0.19 1.48
N THR A 123 -18.38 -1.19 0.63
CA THR A 123 -17.16 -2.00 0.66
C THR A 123 -16.04 -1.33 -0.12
N ARG A 124 -16.35 -0.87 -1.34
CA ARG A 124 -15.32 -0.24 -2.17
C ARG A 124 -14.87 1.09 -1.60
N LEU A 125 -15.80 1.87 -1.03
CA LEU A 125 -15.42 3.13 -0.40
C LEU A 125 -14.63 2.89 0.88
N GLN A 126 -14.92 1.80 1.59
CA GLN A 126 -14.12 1.44 2.76
C GLN A 126 -12.69 1.11 2.36
N LEU A 127 -12.51 0.41 1.24
CA LEU A 127 -11.18 0.13 0.74
C LEU A 127 -10.43 1.42 0.41
N ALA A 128 -11.12 2.39 -0.17
CA ALA A 128 -10.51 3.68 -0.43
C ALA A 128 -10.19 4.41 0.86
N ILE A 129 -11.08 4.30 1.85
CA ILE A 129 -10.80 4.87 3.17
C ILE A 129 -9.54 4.24 3.76
N ASP A 130 -9.47 2.90 3.73
CA ASP A 130 -8.27 2.21 4.20
C ASP A 130 -7.04 2.67 3.45
N TYR A 131 -7.18 2.91 2.15
CA TYR A 131 -6.06 3.41 1.35
C TYR A 131 -5.59 4.78 1.85
N VAL A 132 -6.54 5.71 2.02
CA VAL A 132 -6.17 7.03 2.52
C VAL A 132 -5.81 6.96 4.01
N ALA A 133 -6.43 6.05 4.76
CA ALA A 133 -6.06 5.87 6.16
C ALA A 133 -4.63 5.38 6.30
N PHE A 134 -4.18 4.54 5.36
CA PHE A 134 -2.77 4.13 5.36
C PHE A 134 -1.86 5.30 5.03
N LEU A 135 -2.20 6.06 3.99
CA LEU A 135 -1.37 7.20 3.60
C LEU A 135 -1.30 8.24 4.71
N ALA A 136 -2.38 8.41 5.46
CA ALA A 136 -2.35 9.33 6.60
C ALA A 136 -1.40 8.85 7.67
N TYR A 137 -1.42 7.54 7.97
CA TYR A 137 -0.49 6.99 8.94
C TYR A 137 0.94 6.96 8.39
N LEU A 138 1.08 6.82 7.07
CA LEU A 138 2.41 6.82 6.47
C LEU A 138 3.12 8.15 6.67
N HIS A 139 2.43 9.25 6.33
CA HIS A 139 3.03 10.58 6.41
C HIS A 139 3.22 11.05 7.84
N SER A 140 2.61 10.38 8.82
CA SER A 140 2.80 10.66 10.23
C SER A 140 3.27 9.39 10.96
N SER A 141 4.14 8.63 10.32
CA SER A 141 4.60 7.36 10.85
C SER A 141 5.54 7.58 12.04
N PRO A 142 5.64 6.59 12.94
CA PRO A 142 6.68 6.66 13.97
C PRO A 142 8.09 6.74 13.39
N ALA A 143 8.28 6.31 12.14
CA ALA A 143 9.53 6.51 11.41
C ALA A 143 9.54 7.81 10.62
N GLY A 144 8.85 8.84 11.11
CA GLY A 144 8.79 10.12 10.42
C GLY A 144 7.93 10.06 9.17
N ILE A 145 7.90 11.20 8.47
CA ILE A 145 7.15 11.29 7.22
C ILE A 145 7.77 10.36 6.20
N ARG A 146 6.96 9.48 5.63
CA ARG A 146 7.42 8.52 4.62
C ARG A 146 6.59 8.68 3.35
N VAL A 147 7.16 8.22 2.23
CA VAL A 147 6.54 8.36 0.92
C VAL A 147 6.53 7.00 0.24
N MET A 148 5.35 6.58 -0.22
CA MET A 148 5.22 5.36 -1.02
C MET A 148 5.71 5.66 -2.43
N CYS A 149 6.95 5.25 -2.72
CA CYS A 149 7.60 5.60 -3.99
C CYS A 149 7.24 4.67 -5.13
N ASP A 150 7.10 3.37 -4.87
CA ASP A 150 6.82 2.41 -5.93
C ASP A 150 5.36 2.53 -6.33
N SER A 151 5.08 3.54 -7.14
CA SER A 151 3.72 3.83 -7.59
C SER A 151 3.72 4.74 -8.81
N ASN A 152 4.44 4.34 -9.87
CA ASN A 152 4.56 5.18 -11.05
C ASN A 152 3.34 5.07 -11.96
N ASP A 153 2.79 3.87 -12.09
CA ASP A 153 1.55 3.66 -12.84
C ASP A 153 0.48 3.15 -11.89
N LEU A 154 -0.74 3.02 -12.42
CA LEU A 154 -1.86 2.58 -11.59
C LEU A 154 -1.69 1.13 -11.15
N HIS A 155 -1.31 0.25 -12.07
CA HIS A 155 -1.30 -1.18 -11.76
C HIS A 155 -0.18 -1.53 -10.80
N LYS A 156 1.02 -0.95 -10.97
CA LYS A 156 2.08 -1.19 -10.01
C LYS A 156 1.73 -0.65 -8.64
N THR A 157 0.96 0.45 -8.59
CA THR A 157 0.50 0.98 -7.30
C THR A 157 -0.39 -0.03 -6.57
N LEU A 158 -1.29 -0.68 -7.31
CA LEU A 158 -2.21 -1.64 -6.69
C LEU A 158 -1.49 -2.91 -6.27
N SER A 159 -0.39 -3.27 -6.95
CA SER A 159 0.35 -4.48 -6.64
C SER A 159 1.01 -4.44 -5.26
N GLN A 160 1.12 -3.26 -4.65
CA GLN A 160 1.73 -3.11 -3.34
C GLN A 160 0.74 -3.26 -2.19
N PHE A 161 -0.52 -3.58 -2.49
CA PHE A 161 -1.56 -3.70 -1.47
C PHE A 161 -2.23 -5.06 -1.60
N LEU A 162 -2.66 -5.59 -0.46
CA LEU A 162 -3.33 -6.88 -0.38
C LEU A 162 -4.79 -6.71 -0.02
N LEU A 163 -5.56 -7.78 -0.23
CA LEU A 163 -6.98 -7.80 0.07
C LEU A 163 -7.23 -8.90 1.10
N ALA A 164 -7.35 -8.52 2.37
CA ALA A 164 -7.69 -9.49 3.40
C ALA A 164 -9.05 -10.11 3.11
N SER A 165 -9.24 -11.33 3.58
CA SER A 165 -10.45 -12.10 3.28
C SER A 165 -11.75 -11.48 3.83
N ASP A 166 -11.72 -10.27 4.42
CA ASP A 166 -12.91 -9.56 4.86
C ASP A 166 -12.99 -8.19 4.21
N MET A 167 -12.38 -8.04 3.04
CA MET A 167 -12.43 -6.82 2.23
C MET A 167 -11.82 -5.62 2.96
N ARG A 168 -10.60 -5.79 3.44
CA ARG A 168 -9.81 -4.70 4.02
C ARG A 168 -8.52 -4.56 3.23
N LEU A 169 -8.09 -3.31 3.05
CA LEU A 169 -6.88 -3.02 2.29
C LEU A 169 -5.68 -2.95 3.21
N LEU A 170 -4.61 -3.64 2.86
CA LEU A 170 -3.39 -3.68 3.65
C LEU A 170 -2.18 -3.44 2.75
N ALA A 171 -1.27 -2.59 3.23
CA ALA A 171 -0.03 -2.34 2.52
C ALA A 171 0.95 -3.49 2.75
N ASN A 172 1.88 -3.66 1.80
CA ASN A 172 2.77 -4.81 1.84
C ASN A 172 4.16 -4.48 1.33
N ASP A 173 4.24 -3.93 0.12
CA ASP A 173 5.52 -3.72 -0.56
C ASP A 173 6.08 -2.37 -0.15
N LEU A 174 6.82 -2.35 0.97
CA LEU A 174 7.39 -1.12 1.51
C LEU A 174 8.89 -1.03 1.28
N ASP A 175 9.38 -1.54 0.14
CA ASP A 175 10.81 -1.51 -0.13
C ASP A 175 11.31 -0.08 -0.32
N ALA A 176 10.50 0.78 -0.92
CA ALA A 176 10.88 2.16 -1.23
C ALA A 176 10.06 3.10 -0.36
N LEU A 177 10.55 3.37 0.84
CA LEU A 177 9.94 4.33 1.76
C LEU A 177 11.00 5.31 2.23
N PRO A 178 11.30 6.34 1.45
CA PRO A 178 12.18 7.40 1.93
C PRO A 178 11.46 8.29 2.94
N GLU A 179 12.26 9.02 3.70
CA GLU A 179 11.76 9.91 4.74
C GLU A 179 11.89 11.36 4.31
N VAL A 180 10.78 12.10 4.38
CA VAL A 180 10.78 13.53 4.13
C VAL A 180 11.12 14.23 5.44
N GLU A 181 12.30 14.82 5.53
CA GLU A 181 12.68 15.61 6.70
C GLU A 181 12.09 17.00 6.61
N LYS A 182 11.81 17.58 7.78
CA LYS A 182 11.31 18.94 7.87
C LYS A 182 12.39 19.97 7.60
N GLY A 183 13.60 19.55 7.23
CA GLY A 183 14.66 20.46 6.85
C GLY A 183 14.43 21.08 5.48
N GLY A 184 14.31 20.23 4.47
CA GLY A 184 14.04 20.71 3.13
C GLY A 184 14.48 19.70 2.09
N LEU A 185 14.73 20.22 0.88
CA LEU A 185 15.19 19.43 -0.26
C LEU A 185 14.17 18.38 -0.66
N GLY A 186 13.94 17.40 0.20
CA GLY A 186 12.93 16.39 -0.07
C GLY A 186 13.50 15.04 -0.46
N VAL A 187 12.71 14.27 -1.21
CA VAL A 187 13.08 12.91 -1.60
C VAL A 187 12.88 12.74 -3.09
N LYS A 188 13.39 11.63 -3.61
CA LYS A 188 13.19 11.21 -4.97
C LYS A 188 12.87 9.72 -5.00
N CYS A 189 12.04 9.32 -5.96
CA CYS A 189 11.57 7.95 -6.07
C CYS A 189 12.34 7.24 -7.18
N GLY A 190 13.57 6.87 -6.87
CA GLY A 190 14.43 6.17 -7.80
C GLY A 190 15.52 7.08 -8.36
N HIS A 191 16.47 6.43 -9.05
CA HIS A 191 17.60 7.13 -9.65
C HIS A 191 17.43 7.35 -11.14
N HIS A 192 16.22 7.17 -11.67
CA HIS A 192 15.97 7.29 -13.10
C HIS A 192 14.76 8.20 -13.33
N GLU A 193 14.65 8.70 -14.56
CA GLU A 193 13.64 9.69 -14.88
C GLU A 193 12.25 9.05 -14.92
N LEU A 194 11.30 9.68 -14.24
CA LEU A 194 9.91 9.26 -14.25
C LEU A 194 9.11 10.10 -15.25
N THR A 195 8.09 9.49 -15.83
CA THR A 195 7.26 10.15 -16.83
C THR A 195 5.80 9.82 -16.58
N GLY A 196 4.92 10.52 -17.30
CA GLY A 196 3.50 10.27 -17.25
C GLY A 196 2.75 11.26 -16.37
N ASP A 197 1.43 11.19 -16.46
CA ASP A 197 0.53 12.00 -15.65
C ASP A 197 0.16 11.34 -14.33
N PHE A 198 0.39 10.02 -14.20
CA PHE A 198 0.03 9.36 -12.95
C PHE A 198 0.97 9.73 -11.82
N VAL A 199 2.23 10.05 -12.13
CA VAL A 199 3.15 10.57 -11.13
C VAL A 199 2.91 12.07 -10.98
N ALA A 200 3.26 12.60 -9.82
CA ALA A 200 3.05 14.01 -9.56
C ALA A 200 3.87 14.85 -10.54
N PRO A 201 3.39 16.05 -10.90
CA PRO A 201 4.13 16.87 -11.87
C PRO A 201 5.53 17.22 -11.42
N GLU A 202 5.76 17.39 -10.12
CA GLU A 202 7.10 17.65 -9.63
C GLU A 202 8.02 16.44 -9.73
N GLN A 203 7.48 15.26 -10.01
CA GLN A 203 8.28 14.06 -10.23
C GLN A 203 8.81 13.94 -11.66
N LEU A 204 8.79 15.04 -12.42
CA LEU A 204 9.22 15.05 -13.80
C LEU A 204 10.43 15.94 -13.97
N TRP A 205 11.24 15.63 -14.98
CA TRP A 205 12.41 16.43 -15.31
C TRP A 205 11.98 17.81 -15.78
N PRO A 206 12.30 18.88 -15.05
CA PRO A 206 11.71 20.19 -15.36
C PRO A 206 12.54 21.05 -16.30
N TYR A 207 13.48 20.44 -17.04
CA TYR A 207 14.39 21.21 -17.86
C TYR A 207 14.18 21.05 -19.36
N GLY A 208 13.37 20.09 -19.78
CA GLY A 208 12.97 20.01 -21.18
C GLY A 208 13.97 19.29 -22.07
N GLU A 209 13.88 19.61 -23.36
CA GLU A 209 14.61 18.87 -24.39
C GLU A 209 16.09 19.21 -24.39
N ASP A 210 16.46 20.44 -24.02
CA ASP A 210 17.85 20.86 -24.15
C ASP A 210 18.73 20.22 -23.08
N PHE A 211 18.23 20.09 -21.85
CA PHE A 211 18.98 19.49 -20.76
C PHE A 211 18.52 18.05 -20.55
N SER A 212 19.44 17.11 -20.76
CA SER A 212 19.12 15.69 -20.57
C SER A 212 19.09 15.34 -19.09
N PHE A 213 18.43 14.23 -18.78
CA PHE A 213 18.19 13.83 -17.40
C PHE A 213 19.49 13.60 -16.64
N SER A 214 19.47 13.93 -15.35
CA SER A 214 20.60 13.70 -14.47
C SER A 214 20.06 13.58 -13.05
N ASP A 215 20.49 12.53 -12.34
CA ASP A 215 19.91 12.24 -11.02
C ASP A 215 20.28 13.32 -10.01
N GLU A 216 21.54 13.77 -10.02
CA GLU A 216 21.96 14.79 -9.06
C GLU A 216 21.20 16.10 -9.27
N ALA A 217 20.76 16.37 -10.49
CA ALA A 217 20.09 17.63 -10.83
C ALA A 217 18.59 17.59 -10.57
N MET A 218 18.01 16.44 -10.28
CA MET A 218 16.59 16.38 -9.97
C MET A 218 16.36 17.03 -8.61
N PRO A 219 15.49 18.04 -8.51
CA PRO A 219 15.36 18.79 -7.25
C PRO A 219 14.91 17.97 -6.06
N GLY A 220 13.72 17.38 -6.12
CA GLY A 220 13.21 16.60 -5.01
C GLY A 220 11.84 17.04 -4.54
N TYR A 221 11.03 16.09 -4.08
CA TYR A 221 9.65 16.37 -3.70
C TYR A 221 9.36 15.79 -2.32
N ASP A 222 8.08 15.58 -2.04
CA ASP A 222 7.65 15.23 -0.68
C ASP A 222 6.48 14.26 -0.76
N GLU A 223 5.67 14.21 0.31
CA GLU A 223 4.55 13.28 0.41
C GLU A 223 3.34 13.72 -0.41
N LYS A 224 3.31 14.96 -0.90
CA LYS A 224 2.18 15.41 -1.72
C LYS A 224 2.07 14.61 -3.01
N THR A 225 3.15 13.95 -3.44
CA THR A 225 3.08 13.07 -4.59
C THR A 225 2.13 11.91 -4.35
N ASP A 226 2.02 11.45 -3.10
CA ASP A 226 1.03 10.43 -2.77
C ASP A 226 -0.39 10.99 -2.86
N ILE A 227 -0.58 12.24 -2.44
CA ILE A 227 -1.87 12.89 -2.57
C ILE A 227 -2.27 12.97 -4.04
N TRP A 228 -1.28 13.18 -4.91
CA TRP A 228 -1.52 13.32 -6.34
C TRP A 228 -2.30 12.13 -6.90
N LYS A 229 -1.88 10.92 -6.55
CA LYS A 229 -2.41 9.69 -7.15
C LYS A 229 -3.64 9.16 -6.42
N ILE A 230 -4.12 9.86 -5.39
CA ILE A 230 -5.28 9.37 -4.62
C ILE A 230 -6.54 9.29 -5.49
N PRO A 231 -6.91 10.28 -6.30
CA PRO A 231 -8.12 10.13 -7.12
C PRO A 231 -8.06 8.95 -8.06
N ASP A 232 -6.96 8.78 -8.79
CA ASP A 232 -6.84 7.65 -9.73
C ASP A 232 -6.98 6.32 -9.01
N VAL A 233 -6.41 6.20 -7.81
CA VAL A 233 -6.62 5.00 -7.01
C VAL A 233 -8.07 4.92 -6.54
N THR A 234 -8.62 6.04 -6.08
CA THR A 234 -10.01 6.06 -5.63
C THR A 234 -10.97 5.74 -6.76
N ARG A 235 -10.68 6.24 -7.98
CA ARG A 235 -11.52 5.93 -9.14
C ARG A 235 -11.54 4.44 -9.42
N PHE A 236 -10.39 3.77 -9.30
CA PHE A 236 -10.34 2.33 -9.53
C PHE A 236 -11.08 1.56 -8.45
N LEU A 237 -10.90 1.96 -7.18
CA LEU A 237 -11.47 1.19 -6.08
C LEU A 237 -12.99 1.23 -6.09
N LEU A 238 -13.58 2.37 -6.46
CA LEU A 238 -15.03 2.44 -6.57
C LEU A 238 -15.53 1.78 -7.84
N GLY A 239 -14.70 1.73 -8.88
CA GLY A 239 -15.14 1.16 -10.15
C GLY A 239 -16.36 1.89 -10.68
N ASP A 240 -17.36 1.11 -11.08
CA ASP A 240 -18.67 1.65 -11.42
C ASP A 240 -19.74 0.87 -10.65
N VAL A 241 -19.62 0.91 -9.32
CA VAL A 241 -20.60 0.25 -8.47
C VAL A 241 -21.85 1.12 -8.36
N LEU A 242 -22.98 0.48 -8.04
CA LEU A 242 -24.23 1.18 -7.84
C LEU A 242 -24.11 2.19 -6.70
N GLY A 243 -24.12 3.47 -7.02
CA GLY A 243 -23.99 4.54 -6.05
C GLY A 243 -22.70 5.32 -6.16
N GLY A 244 -21.65 4.70 -6.70
CA GLY A 244 -20.37 5.38 -6.86
C GLY A 244 -20.45 6.63 -7.72
N ASP A 245 -21.46 6.72 -8.58
CA ASP A 245 -21.67 7.95 -9.35
C ASP A 245 -22.01 9.12 -8.45
N VAL A 246 -22.73 8.87 -7.36
CA VAL A 246 -23.03 9.92 -6.38
C VAL A 246 -21.80 10.22 -5.52
N ILE A 247 -20.99 9.20 -5.21
CA ILE A 247 -19.84 9.41 -4.34
C ILE A 247 -18.81 10.30 -5.03
N HIS A 248 -18.49 10.00 -6.30
CA HIS A 248 -17.53 10.82 -7.03
C HIS A 248 -17.96 12.28 -7.10
N PHE A 249 -19.27 12.52 -7.14
CA PHE A 249 -19.78 13.90 -7.08
C PHE A 249 -19.37 14.57 -5.78
N HIS A 250 -19.60 13.89 -4.64
CA HIS A 250 -19.25 14.46 -3.34
C HIS A 250 -17.75 14.68 -3.22
N LEU A 251 -16.95 13.85 -3.90
CA LEU A 251 -15.50 13.90 -3.79
C LEU A 251 -14.84 14.73 -4.88
N PHE A 252 -15.63 15.42 -5.72
CA PHE A 252 -15.04 16.13 -6.85
C PHE A 252 -14.09 17.23 -6.38
N GLN A 253 -14.52 18.04 -5.42
CA GLN A 253 -13.69 19.15 -4.98
C GLN A 253 -12.41 18.65 -4.31
N ILE A 254 -12.51 17.60 -3.49
CA ILE A 254 -11.30 17.05 -2.89
C ILE A 254 -10.47 16.29 -3.92
N TYR A 255 -11.12 15.78 -4.98
CA TYR A 255 -10.36 15.27 -6.13
C TYR A 255 -9.55 16.38 -6.77
N SER A 256 -10.16 17.55 -6.96
CA SER A 256 -9.50 18.66 -7.64
C SER A 256 -8.38 19.27 -6.82
N GLU A 257 -8.38 19.08 -5.50
CA GLU A 257 -7.29 19.59 -4.68
C GLU A 257 -6.07 18.67 -4.70
N CYS A 258 -6.30 17.36 -4.81
CA CYS A 258 -5.19 16.42 -4.93
C CYS A 258 -4.49 16.57 -6.28
N LYS A 259 -5.21 17.00 -7.31
CA LYS A 259 -4.66 17.16 -8.65
C LYS A 259 -4.16 18.58 -8.92
N ARG A 260 -3.99 19.40 -7.89
CA ARG A 260 -3.41 20.72 -8.08
C ARG A 260 -1.95 20.59 -8.48
N LYS A 261 -1.54 21.44 -9.44
CA LYS A 261 -0.16 21.37 -9.93
C LYS A 261 0.84 21.78 -8.85
N GLU A 262 0.51 22.80 -8.07
CA GLU A 262 1.33 23.19 -6.94
C GLU A 262 1.07 22.22 -5.79
N ALA A 263 2.14 21.54 -5.34
CA ALA A 263 1.98 20.47 -4.37
C ALA A 263 1.59 20.99 -2.99
N HIS A 264 2.07 22.17 -2.62
CA HIS A 264 1.82 22.68 -1.27
C HIS A 264 0.37 23.09 -1.04
N MET A 265 -0.46 23.11 -2.09
CA MET A 265 -1.88 23.40 -1.94
C MET A 265 -2.73 22.13 -1.89
N ARG A 266 -2.15 20.97 -2.16
CA ARG A 266 -2.87 19.73 -2.07
C ARG A 266 -3.25 19.44 -0.61
N PRO A 267 -4.34 18.71 -0.39
CA PRO A 267 -4.74 18.39 0.99
C PRO A 267 -3.89 17.28 1.58
N THR A 268 -3.70 17.36 2.90
CA THR A 268 -3.01 16.29 3.60
C THR A 268 -3.86 15.02 3.57
N ALA A 269 -3.20 13.88 3.80
CA ALA A 269 -3.91 12.62 3.75
C ALA A 269 -4.94 12.50 4.86
N ARG A 270 -4.74 13.23 5.97
CA ARG A 270 -5.76 13.26 7.01
C ARG A 270 -6.93 14.17 6.62
N GLU A 271 -6.65 15.23 5.84
CA GLU A 271 -7.73 16.03 5.28
C GLU A 271 -8.55 15.22 4.29
N VAL A 272 -7.89 14.44 3.42
CA VAL A 272 -8.60 13.61 2.46
C VAL A 272 -9.39 12.53 3.18
N LEU A 273 -8.78 11.88 4.17
CA LEU A 273 -9.45 10.77 4.85
C LEU A 273 -10.71 11.24 5.58
N SER A 274 -10.66 12.43 6.17
CA SER A 274 -11.81 12.93 6.91
C SER A 274 -13.02 13.14 6.01
N VAL A 275 -12.80 13.71 4.82
CA VAL A 275 -13.88 13.85 3.85
C VAL A 275 -14.42 12.48 3.44
N TYR A 276 -13.53 11.51 3.28
CA TYR A 276 -13.95 10.17 2.89
C TYR A 276 -14.83 9.53 3.96
N ARG A 277 -14.44 9.66 5.22
CA ARG A 277 -15.24 9.09 6.30
C ARG A 277 -16.61 9.77 6.39
N SER A 278 -16.63 11.09 6.21
CA SER A 278 -17.89 11.83 6.36
C SER A 278 -18.85 11.54 5.21
N VAL A 279 -18.32 11.36 4.00
CA VAL A 279 -19.16 10.98 2.87
C VAL A 279 -19.70 9.57 3.07
N TYR A 280 -18.87 8.67 3.57
CA TYR A 280 -19.31 7.31 3.87
C TYR A 280 -20.45 7.33 4.88
N ASP A 281 -20.31 8.12 5.95
CA ASP A 281 -21.35 8.20 6.96
C ASP A 281 -22.62 8.84 6.42
N SER A 282 -22.48 9.89 5.59
CA SER A 282 -23.64 10.58 5.05
C SER A 282 -24.47 9.63 4.19
N MET A 283 -23.83 8.87 3.32
CA MET A 283 -24.55 7.90 2.49
C MET A 283 -25.00 6.69 3.29
N MET A 284 -24.42 6.46 4.48
CA MET A 284 -24.92 5.42 5.36
C MET A 284 -26.21 5.85 6.05
N GLU A 285 -26.35 7.15 6.34
CA GLU A 285 -27.61 7.66 6.86
C GLU A 285 -28.66 7.79 5.77
N SER A 286 -28.24 8.18 4.56
CA SER A 286 -29.16 8.31 3.44
C SER A 286 -29.81 6.97 3.11
N GLN A 287 -29.04 5.88 3.22
CA GLN A 287 -29.58 4.56 2.93
C GLN A 287 -30.48 4.05 4.05
N SER A 288 -30.20 4.45 5.30
CA SER A 288 -30.89 3.87 6.44
C SER A 288 -32.38 4.18 6.42
N GLN A 289 -32.74 5.43 6.17
CA GLN A 289 -34.14 5.84 6.27
C GLN A 289 -34.98 5.44 5.06
N ARG A 290 -34.38 4.81 4.07
CA ARG A 290 -35.12 4.36 2.89
C ARG A 290 -35.77 3.00 3.14
C1 MAN B . 8.84 -2.30 -11.90
C2 MAN B . 8.45 -0.77 -11.88
C3 MAN B . 9.58 -0.09 -11.28
C4 MAN B . 9.97 -0.68 -9.94
C5 MAN B . 10.00 -2.24 -9.79
C6 MAN B . 9.96 -2.69 -8.30
O1 MAN B . 10.06 -2.54 -12.65
O2 MAN B . 7.16 -0.71 -11.16
O3 MAN B . 9.11 1.23 -11.05
O4 MAN B . 11.19 -0.17 -9.34
O5 MAN B . 8.96 -2.96 -10.54
O6 MAN B . 8.74 -2.92 -7.73
C1 NAG B . 11.15 0.82 -8.35
C2 NAG B . 12.46 1.20 -7.68
C3 NAG B . 12.33 2.22 -6.64
C4 NAG B . 11.64 3.42 -7.15
C5 NAG B . 10.37 3.17 -7.92
C6 NAG B . 10.29 4.34 -8.89
C7 NAG B . 13.63 -1.10 -7.67
C8 NAG B . 13.85 -2.46 -6.97
N2 NAG B . 12.80 -0.11 -7.04
O3 NAG B . 13.62 2.67 -6.23
O4 NAG B . 11.36 4.20 -6.02
O5 NAG B . 10.45 2.06 -8.80
O6 NAG B . 8.87 4.48 -8.87
O7 NAG B . 14.08 -0.89 -8.75
C1 NGA B . 14.22 2.75 -5.06
C2 NGA B . 15.75 2.59 -5.15
C3 NGA B . 16.47 2.81 -3.80
C4 NGA B . 15.92 4.06 -3.12
C5 NGA B . 14.44 3.98 -2.82
C6 NGA B . 13.95 5.16 -1.93
C7 NGA B . 16.87 0.94 -6.82
C8 NGA B . 17.31 -0.47 -7.21
N2 NGA B . 16.16 1.15 -5.55
O3 NGA B . 17.89 2.97 -3.93
O4 NGA B . 16.16 4.95 -4.18
O5 NGA B . 13.72 3.90 -4.20
O6 NGA B . 12.90 5.43 -2.81
O7 NGA B . 16.94 1.84 -7.59
PB ADP C . 8.20 -6.96 -4.88
O1B ADP C . 7.55 -6.03 -5.98
O2B ADP C . 8.82 -6.08 -3.86
O3B ADP C . 9.16 -7.79 -5.67
PA ADP C . 5.80 -7.53 -3.33
O1A ADP C . 5.14 -6.27 -3.99
O2A ADP C . 5.84 -7.17 -2.02
O3A ADP C . 7.07 -7.97 -4.26
O5' ADP C . 4.71 -8.67 -3.58
C5' ADP C . 4.49 -9.14 -4.89
C4' ADP C . 3.21 -9.91 -4.91
O4' ADP C . 3.23 -10.98 -4.04
C3' ADP C . 1.96 -8.96 -4.50
O3' ADP C . 1.54 -7.87 -5.50
C2' ADP C . 1.03 -9.89 -4.34
O2' ADP C . 0.33 -10.53 -5.54
C1' ADP C . 1.77 -11.15 -3.67
N9 ADP C . 1.59 -11.25 -2.34
C8 ADP C . 2.61 -10.70 -1.65
N7 ADP C . 2.45 -10.84 -0.33
C5 ADP C . 1.35 -11.53 -0.14
C6 ADP C . 0.70 -12.02 0.90
N6 ADP C . 0.90 -12.06 2.25
N1 ADP C . -0.43 -12.78 0.71
C2 ADP C . -0.90 -13.10 -0.49
N3 ADP C . -0.35 -12.57 -1.62
C4 ADP C . 0.85 -11.87 -1.39
MG MG D . 8.96 -4.23 -3.69
MG MG E . 5.59 -4.91 -5.43
AL AF3 F . 8.23 -4.42 -6.60
F1 AF3 F . 6.64 -3.66 -6.53
F2 AF3 F . 9.33 -3.66 -5.43
F3 AF3 F . 9.00 -5.60 -7.60
O8 ZZ1 G . 8.95 -9.59 -11.94
C8 ZZ1 G . 9.66 -8.63 -12.14
O1 ZZ1 G . 9.23 -7.31 -12.08
C11 ZZ1 G . 10.10 -6.24 -12.53
C10 ZZ1 G . 9.67 -4.90 -12.56
C1 ZZ1 G . 10.50 -3.82 -12.91
C2 ZZ1 G . 11.81 -4.08 -13.31
C3 ZZ1 G . 12.23 -5.40 -13.33
C4 ZZ1 G . 11.36 -6.49 -12.93
C5 ZZ1 G . 11.79 -7.82 -12.98
C6 ZZ1 G . 12.65 -8.49 -14.04
C7 ZZ1 G . 11.01 -8.85 -12.48
#